data_6T9V
#
_entry.id   6T9V
#
_cell.length_a   55.464
_cell.length_b   55.464
_cell.length_c   109.142
_cell.angle_alpha   90.000
_cell.angle_beta   90.000
_cell.angle_gamma   120.000
#
_symmetry.space_group_name_H-M   'P 31 2 1'
#
loop_
_entity.id
_entity.type
_entity.pdbx_description
1 polymer 'Cationic Trypsin'
2 non-polymer 'trifluoroacetic acid'
3 non-polymer 'DIMETHYL SULFOXIDE'
4 non-polymer 'CALCIUM ION'
5 non-polymer '1-~{tert}-butyl-3-[1-[(2~{S})-3-(3-carbamimidoylphenyl)-2-[[3-[3-fluoranyl-4-(hydroxymethyl)phenyl]phenyl]sulfonylamino ]propanoyl]piperidin-4-yl]urea'
6 water water
#
_entity_poly.entity_id   1
_entity_poly.type   'polypeptide(L)'
_entity_poly.pdbx_seq_one_letter_code
;MKTFIFLALLGAAVAFPVDDDDKIVGGYTCGANTVPYQVSLNSGYHFCGGSLINSQWVVSAAHCYKSGIQVRLGEDNINV
VEGNEQFISASKSIVHPSYNSNTLNNDIMLIKLKSAASLNSRVASISLPTSCASAGTQCLISGWGNTKSSGTSYPDVLKC
LKAPILSDSSCKSAYPGQITSNMFCAGYLEGGKDSCQGDSGGPVVCSGKLQGIVSWGSGCAQKNKPGVYTKVCNYVSWIK
QTIASN
;
_entity_poly.pdbx_strand_id   A
#
loop_
_chem_comp.id
_chem_comp.type
_chem_comp.name
_chem_comp.formula
CA non-polymer 'CALCIUM ION' 'Ca 2'
DMS non-polymer 'DIMETHYL SULFOXIDE' 'C2 H6 O S'
MXH non-polymer '1-~{tert}-butyl-3-[1-[(2~{S})-3-(3-carbamimidoylphenyl)-2-[[3-[3-fluoranyl-4-(hydroxymethyl)phenyl]phenyl]sulfonylamino ]propanoyl]piperidin-4-yl]urea' 'C33 H41 F N6 O5 S'
TFA non-polymer 'trifluoroacetic acid' 'C2 H F3 O2'
#
# COMPACT_ATOMS: atom_id res chain seq x y z
N ILE A 24 10.50 -0.23 -4.93
CA ILE A 24 11.07 0.85 -4.11
C ILE A 24 12.43 1.24 -4.68
N VAL A 25 12.60 2.52 -5.02
CA VAL A 25 13.85 3.07 -5.54
C VAL A 25 14.55 3.82 -4.42
N GLY A 26 15.84 3.55 -4.22
CA GLY A 26 16.62 4.28 -3.24
C GLY A 26 16.38 3.90 -1.81
N GLY A 27 15.79 2.73 -1.57
CA GLY A 27 15.51 2.24 -0.24
C GLY A 27 16.55 1.25 0.25
N TYR A 28 16.14 0.40 1.19
CA TYR A 28 17.03 -0.56 1.82
C TYR A 28 16.29 -1.87 2.04
N THR A 29 17.05 -2.95 2.18
CA THR A 29 16.45 -4.25 2.51
C THR A 29 15.88 -4.20 3.92
N CYS A 30 14.57 -4.46 4.06
CA CYS A 30 13.91 -4.28 5.35
C CYS A 30 14.51 -5.22 6.41
N GLY A 31 14.71 -6.47 6.04
CA GLY A 31 14.96 -7.55 6.97
C GLY A 31 13.72 -8.43 7.06
N ALA A 32 13.95 -9.74 7.11
CA ALA A 32 12.83 -10.70 7.01
C ALA A 32 11.79 -10.48 8.10
N ASN A 33 10.53 -10.29 7.67
CA ASN A 33 9.37 -10.24 8.56
C ASN A 33 9.39 -9.03 9.49
N THR A 34 10.16 -7.98 9.16
CA THR A 34 10.17 -6.77 9.96
C THR A 34 9.00 -5.84 9.64
N VAL A 35 8.22 -6.15 8.61
CA VAL A 35 7.02 -5.39 8.22
C VAL A 35 5.89 -6.42 8.15
N PRO A 36 5.41 -6.91 9.31
CA PRO A 36 4.60 -8.14 9.29
C PRO A 36 3.17 -7.97 8.80
N TYR A 37 2.73 -6.73 8.56
CA TYR A 37 1.45 -6.40 7.95
C TYR A 37 1.52 -6.33 6.42
N GLN A 38 2.72 -6.40 5.83
CA GLN A 38 2.86 -6.36 4.38
C GLN A 38 2.48 -7.69 3.78
N VAL A 39 1.59 -7.66 2.78
CA VAL A 39 1.23 -8.85 2.02
C VAL A 39 1.62 -8.66 0.55
N SER A 40 1.80 -9.80 -0.13
CA SER A 40 1.95 -9.88 -1.58
C SER A 40 0.68 -10.47 -2.16
N LEU A 41 0.13 -9.82 -3.18
CA LEU A 41 -0.98 -10.37 -3.95
C LEU A 41 -0.41 -11.13 -5.14
N ASN A 42 -0.81 -12.40 -5.27
CA ASN A 42 -0.24 -13.32 -6.24
C ASN A 42 -1.34 -13.92 -7.12
N SER A 43 -1.13 -13.87 -8.44
CA SER A 43 -2.02 -14.49 -9.41
C SER A 43 -1.21 -15.36 -10.36
N GLY A 44 -0.29 -16.16 -9.80
CA GLY A 44 0.73 -16.87 -10.56
C GLY A 44 2.10 -16.23 -10.43
N TYR A 45 2.15 -15.03 -9.87
CA TYR A 45 3.29 -14.13 -9.78
C TYR A 45 2.83 -12.99 -8.87
N HIS A 46 3.78 -12.33 -8.22
CA HIS A 46 3.48 -11.11 -7.46
C HIS A 46 3.04 -10.00 -8.41
N PHE A 47 1.91 -9.33 -8.13
CA PHE A 47 1.47 -8.22 -8.96
C PHE A 47 1.15 -6.93 -8.21
N CYS A 48 1.00 -6.95 -6.89
CA CYS A 48 0.69 -5.76 -6.10
C CYS A 48 0.94 -6.12 -4.64
N GLY A 49 1.08 -5.09 -3.81
CA GLY A 49 1.10 -5.22 -2.38
C GLY A 49 -0.28 -5.04 -1.75
N GLY A 50 -0.31 -5.21 -0.44
CA GLY A 50 -1.49 -4.96 0.39
C GLY A 50 -1.07 -4.91 1.84
N SER A 51 -2.03 -4.59 2.70
CA SER A 51 -1.82 -4.49 4.14
C SER A 51 -2.88 -5.28 4.90
N LEU A 52 -2.45 -6.12 5.84
CA LEU A 52 -3.38 -6.88 6.68
C LEU A 52 -3.96 -5.94 7.74
N ILE A 53 -5.29 -5.84 7.83
CA ILE A 53 -5.93 -4.98 8.83
C ILE A 53 -6.68 -5.73 9.92
N ASN A 54 -7.01 -7.00 9.72
CA ASN A 54 -7.37 -7.92 10.80
C ASN A 54 -7.18 -9.33 10.23
N SER A 55 -7.50 -10.36 11.02
CA SER A 55 -7.18 -11.72 10.57
C SER A 55 -7.90 -12.13 9.29
N GLN A 56 -8.98 -11.44 8.89
N GLN A 56 -8.96 -11.40 8.91
CA GLN A 56 -9.75 -11.84 7.73
CA GLN A 56 -9.83 -11.78 7.80
C GLN A 56 -9.71 -10.86 6.56
C GLN A 56 -9.78 -10.83 6.61
N TRP A 57 -9.08 -9.69 6.70
CA TRP A 57 -9.22 -8.62 5.72
C TRP A 57 -7.90 -7.93 5.39
N VAL A 58 -7.71 -7.66 4.09
CA VAL A 58 -6.58 -6.92 3.53
C VAL A 58 -7.11 -5.67 2.82
N VAL A 59 -6.37 -4.57 2.91
N VAL A 59 -6.36 -4.55 2.97
CA VAL A 59 -6.69 -3.38 2.14
CA VAL A 59 -6.54 -3.30 2.22
C VAL A 59 -5.58 -3.14 1.12
C VAL A 59 -5.53 -3.26 1.07
N SER A 60 -5.97 -2.86 -0.11
CA SER A 60 -5.05 -2.63 -1.23
C SER A 60 -5.58 -1.48 -2.09
N ALA A 61 -4.97 -1.30 -3.27
CA ALA A 61 -5.42 -0.29 -4.24
C ALA A 61 -6.48 -0.89 -5.15
N ALA A 62 -7.53 -0.12 -5.44
CA ALA A 62 -8.54 -0.55 -6.40
C ALA A 62 -7.95 -0.88 -7.75
N HIS A 63 -6.89 -0.17 -8.18
CA HIS A 63 -6.35 -0.45 -9.50
C HIS A 63 -5.64 -1.80 -9.57
N CYS A 64 -5.42 -2.45 -8.41
CA CYS A 64 -4.91 -3.82 -8.35
C CYS A 64 -6.00 -4.89 -8.45
N TYR A 65 -7.26 -4.50 -8.60
CA TYR A 65 -8.36 -5.48 -8.68
C TYR A 65 -8.16 -6.46 -9.82
N LYS A 66 -8.40 -7.74 -9.53
CA LYS A 66 -8.55 -8.78 -10.53
C LYS A 66 -9.18 -9.97 -9.84
N SER A 67 -9.61 -10.94 -10.63
CA SER A 67 -10.08 -12.21 -10.09
C SER A 67 -8.90 -13.16 -9.85
N GLY A 68 -9.14 -14.19 -9.04
CA GLY A 68 -8.12 -15.20 -8.80
C GLY A 68 -6.96 -14.77 -7.93
N ILE A 69 -7.21 -13.95 -6.90
CA ILE A 69 -6.15 -13.46 -6.03
C ILE A 69 -5.86 -14.49 -4.94
N GLN A 70 -4.58 -14.81 -4.76
CA GLN A 70 -4.07 -15.47 -3.57
C GLN A 70 -3.27 -14.45 -2.75
N VAL A 71 -3.62 -14.31 -1.48
CA VAL A 71 -2.90 -13.44 -0.57
C VAL A 71 -1.76 -14.22 0.06
N ARG A 72 -0.56 -13.65 0.04
CA ARG A 72 0.64 -14.29 0.59
C ARG A 72 1.14 -13.44 1.76
N LEU A 73 1.03 -14.01 2.96
CA LEU A 73 1.40 -13.39 4.22
C LEU A 73 2.70 -14.00 4.72
N GLY A 74 3.40 -13.27 5.59
CA GLY A 74 4.63 -13.79 6.16
C GLY A 74 5.80 -13.87 5.20
N GLU A 75 5.75 -13.13 4.09
CA GLU A 75 6.79 -13.22 3.05
C GLU A 75 7.98 -12.32 3.33
N ASP A 76 9.17 -12.83 3.00
CA ASP A 76 10.35 -12.01 2.73
C ASP A 76 10.78 -12.18 1.28
N ASN A 77 11.54 -13.24 0.98
CA ASN A 77 11.86 -13.57 -0.40
C ASN A 77 10.63 -14.19 -1.05
N ILE A 78 10.02 -13.51 -2.02
CA ILE A 78 8.79 -14.00 -2.66
C ILE A 78 9.04 -15.13 -3.65
N ASN A 79 10.30 -15.43 -3.97
CA ASN A 79 10.65 -16.54 -4.85
C ASN A 79 11.11 -17.79 -4.12
N VAL A 80 11.19 -17.78 -2.78
CA VAL A 80 11.71 -18.90 -1.99
C VAL A 80 10.78 -19.16 -0.81
N VAL A 81 10.42 -20.42 -0.56
CA VAL A 81 9.69 -20.77 0.65
C VAL A 81 10.68 -20.81 1.80
N GLU A 82 10.52 -19.90 2.75
CA GLU A 82 11.44 -19.75 3.87
C GLU A 82 10.88 -20.27 5.18
N GLY A 83 9.58 -20.54 5.26
CA GLY A 83 8.99 -21.27 6.39
C GLY A 83 8.00 -20.49 7.22
N ASN A 84 7.78 -19.20 6.97
CA ASN A 84 6.83 -18.42 7.76
C ASN A 84 5.62 -17.95 6.96
N GLU A 85 5.48 -18.40 5.73
CA GLU A 85 4.40 -17.94 4.87
C GLU A 85 3.05 -18.58 5.22
N GLN A 86 1.98 -17.83 4.93
CA GLN A 86 0.63 -18.35 4.81
C GLN A 86 0.08 -17.90 3.46
N PHE A 87 -0.45 -18.87 2.68
CA PHE A 87 -1.06 -18.60 1.39
C PHE A 87 -2.56 -18.84 1.51
N ILE A 88 -3.37 -17.81 1.28
CA ILE A 88 -4.82 -17.87 1.49
C ILE A 88 -5.53 -17.21 0.32
N SER A 89 -6.46 -17.93 -0.31
CA SER A 89 -7.25 -17.38 -1.40
C SER A 89 -8.22 -16.31 -0.90
N ALA A 90 -8.46 -15.30 -1.74
CA ALA A 90 -9.53 -14.34 -1.50
C ALA A 90 -10.89 -14.98 -1.75
N SER A 91 -11.87 -14.69 -0.86
CA SER A 91 -13.25 -15.10 -1.06
C SER A 91 -14.13 -14.01 -1.67
N LYS A 92 -13.74 -12.75 -1.52
CA LYS A 92 -14.49 -11.64 -2.08
C LYS A 92 -13.56 -10.44 -2.11
N SER A 93 -13.80 -9.57 -3.09
N SER A 93 -13.82 -9.55 -3.06
CA SER A 93 -13.15 -8.28 -3.19
CA SER A 93 -13.14 -8.26 -3.11
C SER A 93 -14.22 -7.20 -3.31
C SER A 93 -14.17 -7.17 -3.37
N ILE A 94 -13.96 -6.04 -2.71
CA ILE A 94 -14.90 -4.91 -2.71
C ILE A 94 -14.10 -3.66 -3.08
N VAL A 95 -14.27 -3.20 -4.32
CA VAL A 95 -13.69 -1.95 -4.78
C VAL A 95 -14.54 -0.79 -4.27
N HIS A 96 -13.88 0.32 -3.91
CA HIS A 96 -14.62 1.47 -3.39
C HIS A 96 -15.72 1.90 -4.37
N PRO A 97 -16.92 2.23 -3.87
CA PRO A 97 -18.01 2.57 -4.79
C PRO A 97 -17.73 3.76 -5.70
N SER A 98 -16.85 4.67 -5.30
CA SER A 98 -16.55 5.88 -6.08
C SER A 98 -15.21 5.81 -6.80
N TYR A 99 -14.56 4.64 -6.85
CA TYR A 99 -13.30 4.53 -7.58
C TYR A 99 -13.47 4.93 -9.04
N ASN A 100 -12.56 5.79 -9.51
CA ASN A 100 -12.49 6.23 -10.91
C ASN A 100 -11.15 5.79 -11.50
N SER A 101 -11.19 4.85 -12.46
CA SER A 101 -9.96 4.30 -13.03
C SER A 101 -9.23 5.27 -13.96
N ASN A 102 -9.89 6.31 -14.45
CA ASN A 102 -9.22 7.31 -15.28
C ASN A 102 -8.32 8.23 -14.44
N THR A 103 -8.80 8.68 -13.26
CA THR A 103 -8.10 9.66 -12.42
C THR A 103 -7.43 9.03 -11.20
N LEU A 104 -7.76 7.78 -10.90
CA LEU A 104 -7.37 7.08 -9.68
C LEU A 104 -7.91 7.73 -8.40
N ASN A 105 -8.95 8.55 -8.49
CA ASN A 105 -9.61 9.01 -7.28
C ASN A 105 -10.29 7.81 -6.57
N ASN A 106 -10.13 7.76 -5.24
CA ASN A 106 -10.66 6.67 -4.40
C ASN A 106 -10.02 5.31 -4.74
N ASP A 107 -8.68 5.30 -4.83
CA ASP A 107 -7.93 4.11 -5.23
C ASP A 107 -7.73 3.19 -4.01
N ILE A 108 -8.80 2.48 -3.62
CA ILE A 108 -8.82 1.62 -2.43
C ILE A 108 -9.81 0.47 -2.66
N MET A 109 -9.41 -0.72 -2.19
N MET A 109 -9.45 -0.70 -2.11
CA MET A 109 -10.29 -1.88 -2.19
CA MET A 109 -10.19 -1.94 -2.27
C MET A 109 -10.00 -2.71 -0.95
C MET A 109 -9.94 -2.83 -1.04
N LEU A 110 -10.98 -3.56 -0.62
CA LEU A 110 -10.88 -4.52 0.49
C LEU A 110 -10.96 -5.94 -0.08
N ILE A 111 -10.15 -6.84 0.49
CA ILE A 111 -10.08 -8.24 0.09
C ILE A 111 -10.34 -9.09 1.34
N LYS A 112 -11.34 -9.97 1.30
CA LYS A 112 -11.59 -10.89 2.39
C LYS A 112 -10.90 -12.22 2.12
N LEU A 113 -10.28 -12.76 3.17
CA LEU A 113 -9.61 -14.06 3.11
C LEU A 113 -10.61 -15.20 3.32
N LYS A 114 -10.45 -16.27 2.55
CA LYS A 114 -11.35 -17.43 2.64
C LYS A 114 -11.30 -18.07 4.02
N SER A 115 -10.15 -18.06 4.68
CA SER A 115 -9.98 -18.52 6.04
C SER A 115 -9.14 -17.47 6.75
N ALA A 116 -9.37 -17.32 8.05
CA ALA A 116 -8.62 -16.32 8.82
C ALA A 116 -7.14 -16.67 8.87
N ALA A 117 -6.30 -15.66 8.71
CA ALA A 117 -4.88 -15.84 8.94
C ALA A 117 -4.62 -16.17 10.42
N SER A 118 -3.59 -16.98 10.67
CA SER A 118 -3.10 -17.22 12.02
C SER A 118 -2.13 -16.10 12.38
N LEU A 119 -2.52 -15.26 13.34
CA LEU A 119 -1.74 -14.07 13.65
C LEU A 119 -0.58 -14.41 14.58
N ASN A 120 0.62 -13.97 14.23
CA ASN A 120 1.83 -14.25 15.01
C ASN A 120 2.80 -13.10 14.80
N SER A 121 4.01 -13.21 15.34
CA SER A 121 4.95 -12.09 15.24
C SER A 121 5.33 -11.75 13.80
N ARG A 122 5.19 -12.69 12.85
CA ARG A 122 5.53 -12.48 11.45
C ARG A 122 4.33 -12.19 10.55
N VAL A 123 3.11 -12.31 11.08
CA VAL A 123 1.86 -12.11 10.35
C VAL A 123 0.95 -11.32 11.27
N ALA A 124 0.85 -10.01 11.07
CA ALA A 124 0.28 -9.11 12.06
C ALA A 124 -0.47 -7.98 11.36
N SER A 125 -1.56 -7.53 11.97
N SER A 125 -1.55 -7.52 11.99
CA SER A 125 -2.32 -6.43 11.38
CA SER A 125 -2.33 -6.42 11.44
C SER A 125 -1.70 -5.08 11.72
C SER A 125 -1.65 -5.08 11.70
N ILE A 126 -2.05 -4.07 10.91
CA ILE A 126 -1.66 -2.68 11.13
C ILE A 126 -2.93 -1.86 11.45
N SER A 127 -2.82 -1.00 12.45
N SER A 127 -2.82 -0.98 12.44
CA SER A 127 -3.94 -0.17 12.89
CA SER A 127 -3.94 -0.19 12.91
C SER A 127 -4.36 0.85 11.84
C SER A 127 -4.34 0.89 11.90
N LEU A 128 -5.66 1.12 11.78
CA LEU A 128 -6.18 2.17 10.93
C LEU A 128 -6.04 3.51 11.61
N PRO A 129 -5.94 4.60 10.85
CA PRO A 129 -5.87 5.91 11.48
C PRO A 129 -7.18 6.23 12.20
N THR A 130 -7.07 6.96 13.29
CA THR A 130 -8.24 7.66 13.78
C THR A 130 -8.22 9.13 13.41
N SER A 131 -7.06 9.63 13.00
N SER A 131 -7.06 9.66 13.02
CA SER A 131 -6.89 10.97 12.46
CA SER A 131 -6.98 10.98 12.41
C SER A 131 -5.93 10.91 11.28
C SER A 131 -5.89 10.98 11.34
N CYS A 132 -6.03 11.90 10.39
CA CYS A 132 -5.07 12.06 9.31
C CYS A 132 -3.73 12.56 9.89
N ALA A 133 -2.68 12.47 9.08
CA ALA A 133 -1.34 12.89 9.45
C ALA A 133 -0.98 14.20 8.77
N SER A 134 0.05 14.86 9.30
N SER A 134 0.03 14.88 9.32
CA SER A 134 0.45 16.18 8.85
CA SER A 134 0.43 16.20 8.86
C SER A 134 1.67 16.13 7.95
C SER A 134 1.67 16.14 7.96
N ALA A 135 1.78 17.14 7.08
CA ALA A 135 2.99 17.29 6.27
C ALA A 135 4.20 17.36 7.18
N GLY A 136 5.29 16.71 6.76
CA GLY A 136 6.51 16.63 7.53
C GLY A 136 6.64 15.39 8.38
N THR A 137 5.54 14.69 8.65
CA THR A 137 5.62 13.44 9.41
C THR A 137 6.33 12.37 8.56
N GLN A 138 7.25 11.63 9.19
CA GLN A 138 7.99 10.56 8.51
C GLN A 138 7.21 9.25 8.50
N CYS A 139 7.26 8.56 7.37
CA CYS A 139 6.51 7.31 7.17
C CYS A 139 7.44 6.22 6.63
N LEU A 140 6.99 4.97 6.76
CA LEU A 140 7.66 3.79 6.21
C LEU A 140 6.82 3.24 5.07
N ILE A 141 7.44 3.15 3.88
CA ILE A 141 6.81 2.67 2.65
C ILE A 141 7.56 1.40 2.24
N SER A 142 6.85 0.34 1.82
CA SER A 142 7.52 -0.94 1.57
C SER A 142 6.91 -1.65 0.37
N GLY A 143 7.69 -2.55 -0.24
CA GLY A 143 7.17 -3.37 -1.33
C GLY A 143 8.25 -4.11 -2.09
N TRP A 144 7.79 -4.91 -3.05
CA TRP A 144 8.62 -5.73 -3.93
C TRP A 144 8.68 -5.16 -5.36
N GLY A 145 8.39 -3.86 -5.52
CA GLY A 145 8.41 -3.23 -6.83
C GLY A 145 9.81 -2.95 -7.36
N ASN A 146 9.82 -2.42 -8.59
CA ASN A 146 11.05 -2.06 -9.28
C ASN A 146 11.93 -1.16 -8.42
N THR A 147 13.24 -1.43 -8.44
CA THR A 147 14.22 -0.64 -7.70
C THR A 147 15.00 0.37 -8.56
N LYS A 148 14.70 0.47 -9.85
CA LYS A 148 15.43 1.40 -10.72
C LYS A 148 14.56 2.58 -11.16
N SER A 149 15.16 3.78 -11.18
CA SER A 149 14.47 4.97 -11.70
C SER A 149 14.58 5.06 -13.21
N SER A 150 15.55 4.38 -13.80
CA SER A 150 15.69 4.23 -15.24
C SER A 150 15.99 2.76 -15.49
N GLY A 151 15.11 2.09 -16.23
CA GLY A 151 15.24 0.66 -16.40
C GLY A 151 14.40 -0.11 -15.41
N THR A 152 14.69 -1.42 -15.32
N THR A 152 14.72 -1.41 -15.28
CA THR A 152 13.91 -2.34 -14.49
CA THR A 152 13.91 -2.36 -14.52
C THR A 152 14.82 -3.33 -13.78
C THR A 152 14.77 -3.39 -13.80
N SER A 153 14.57 -3.51 -12.48
CA SER A 153 15.17 -4.58 -11.69
C SER A 153 14.22 -4.88 -10.55
N TYR A 154 13.80 -6.12 -10.44
CA TYR A 154 12.84 -6.50 -9.42
C TYR A 154 13.53 -7.29 -8.33
N PRO A 155 13.37 -6.88 -7.08
CA PRO A 155 14.01 -7.58 -5.97
C PRO A 155 13.17 -8.78 -5.56
N ASP A 156 13.83 -9.72 -4.93
CA ASP A 156 13.10 -10.84 -4.38
C ASP A 156 12.72 -10.62 -2.92
N VAL A 157 13.54 -9.87 -2.17
CA VAL A 157 13.27 -9.58 -0.76
C VAL A 157 12.60 -8.22 -0.61
N LEU A 158 11.91 -8.04 0.51
CA LEU A 158 11.13 -6.82 0.72
C LEU A 158 12.04 -5.61 0.92
N LYS A 159 11.72 -4.51 0.23
CA LYS A 159 12.43 -3.25 0.33
C LYS A 159 11.61 -2.22 1.11
N CYS A 160 12.33 -1.29 1.74
CA CYS A 160 11.78 -0.29 2.64
C CYS A 160 12.32 1.09 2.31
N LEU A 161 11.52 2.12 2.61
CA LEU A 161 11.93 3.51 2.41
C LEU A 161 11.30 4.36 3.50
N LYS A 162 12.10 5.21 4.14
CA LYS A 162 11.57 6.24 5.03
C LYS A 162 11.40 7.53 4.24
N ALA A 163 10.21 8.13 4.32
CA ALA A 163 9.91 9.31 3.52
C ALA A 163 8.89 10.17 4.23
N PRO A 164 8.99 11.50 4.09
CA PRO A 164 8.01 12.40 4.72
C PRO A 164 6.80 12.68 3.84
N ILE A 165 5.67 12.91 4.50
CA ILE A 165 4.50 13.48 3.83
C ILE A 165 4.84 14.90 3.37
N LEU A 166 4.47 15.21 2.12
CA LEU A 166 4.71 16.53 1.55
C LEU A 166 3.44 17.38 1.66
N SER A 167 3.63 18.69 1.65
CA SER A 167 2.48 19.60 1.73
C SER A 167 1.56 19.41 0.52
N ASP A 168 0.27 19.60 0.74
CA ASP A 168 -0.67 19.49 -0.36
C ASP A 168 -0.35 20.51 -1.46
N SER A 169 0.14 21.71 -1.10
CA SER A 169 0.47 22.69 -2.12
C SER A 169 1.62 22.21 -2.99
N SER A 170 2.65 21.60 -2.40
N SER A 170 2.65 21.61 -2.39
CA SER A 170 3.71 21.08 -3.26
CA SER A 170 3.73 21.04 -3.20
C SER A 170 3.24 19.89 -4.08
C SER A 170 3.20 19.92 -4.09
N CYS A 171 2.31 19.09 -3.54
CA CYS A 171 1.76 17.97 -4.30
C CYS A 171 1.00 18.46 -5.53
N LYS A 172 0.08 19.42 -5.33
CA LYS A 172 -0.71 19.96 -6.44
C LYS A 172 0.14 20.72 -7.44
N SER A 173 1.18 21.41 -6.96
CA SER A 173 2.09 22.11 -7.87
C SER A 173 2.83 21.11 -8.74
N ALA A 174 3.14 19.94 -8.18
CA ALA A 174 3.80 18.91 -8.98
C ALA A 174 2.85 18.30 -10.00
N TYR A 175 1.58 18.17 -9.65
CA TYR A 175 0.60 17.45 -10.45
C TYR A 175 -0.68 18.28 -10.66
N PRO A 176 -0.59 19.42 -11.36
CA PRO A 176 -1.77 20.30 -11.48
C PRO A 176 -2.96 19.60 -12.13
N GLY A 177 -4.14 19.82 -11.56
CA GLY A 177 -5.37 19.25 -12.08
C GLY A 177 -5.57 17.76 -11.80
N GLN A 178 -4.64 17.11 -11.08
CA GLN A 178 -4.70 15.65 -10.86
C GLN A 178 -4.89 15.22 -9.42
N ILE A 179 -4.70 16.10 -8.44
CA ILE A 179 -4.72 15.72 -7.03
C ILE A 179 -6.09 16.07 -6.45
N THR A 180 -6.71 15.10 -5.79
CA THR A 180 -7.95 15.32 -5.08
C THR A 180 -7.69 15.28 -3.57
N SER A 181 -8.72 15.58 -2.82
CA SER A 181 -8.61 15.50 -1.36
C SER A 181 -8.46 14.07 -0.86
N ASN A 182 -8.57 13.06 -1.72
CA ASN A 182 -8.38 11.66 -1.35
C ASN A 182 -6.98 11.15 -1.67
N MET A 183 -6.04 12.07 -1.95
CA MET A 183 -4.67 11.75 -2.29
C MET A 183 -3.73 12.62 -1.46
N PHE A 184 -2.52 12.10 -1.21
CA PHE A 184 -1.43 12.94 -0.70
C PHE A 184 -0.12 12.49 -1.35
N CYS A 185 0.85 13.41 -1.36
CA CYS A 185 2.19 13.09 -1.84
C CYS A 185 3.14 12.83 -0.67
N ALA A 186 4.11 11.95 -0.92
CA ALA A 186 5.17 11.67 0.04
C ALA A 186 6.44 11.37 -0.73
N GLY A 187 7.58 11.69 -0.12
CA GLY A 187 8.84 11.46 -0.80
C GLY A 187 9.76 12.67 -0.77
N TYR A 188 10.46 12.87 -1.89
CA TYR A 188 11.56 13.82 -1.98
C TYR A 188 11.47 14.50 -3.34
N LEU A 189 11.29 15.83 -3.34
CA LEU A 189 11.18 16.54 -4.61
C LEU A 189 12.46 16.49 -5.43
N GLU A 190 13.61 16.28 -4.79
CA GLU A 190 14.86 16.17 -5.52
C GLU A 190 14.98 14.88 -6.32
N GLY A 191 14.10 13.90 -6.07
CA GLY A 191 14.19 12.62 -6.75
C GLY A 191 15.11 11.64 -6.05
N GLY A 192 15.23 10.45 -6.63
CA GLY A 192 16.13 9.42 -6.13
C GLY A 192 15.53 8.42 -5.16
N LYS A 193 14.44 8.75 -4.47
CA LYS A 193 13.85 7.88 -3.45
C LYS A 193 12.33 7.91 -3.63
N ASP A 194 11.71 6.74 -3.90
CA ASP A 194 10.28 6.70 -4.24
C ASP A 194 9.81 5.25 -4.23
N SER A 195 8.48 5.07 -4.25
CA SER A 195 7.90 3.79 -4.61
C SER A 195 7.81 3.69 -6.13
N CYS A 196 7.45 2.50 -6.63
CA CYS A 196 7.51 2.25 -8.07
C CYS A 196 6.55 1.12 -8.47
N GLN A 197 6.56 0.78 -9.75
CA GLN A 197 5.74 -0.30 -10.31
C GLN A 197 5.92 -1.58 -9.50
N GLY A 198 4.79 -2.20 -9.11
CA GLY A 198 4.80 -3.39 -8.28
C GLY A 198 4.71 -3.14 -6.79
N ASP A 199 4.90 -1.89 -6.35
CA ASP A 199 4.64 -1.49 -4.98
C ASP A 199 3.18 -1.11 -4.74
N SER A 200 2.42 -0.84 -5.81
CA SER A 200 1.04 -0.40 -5.68
C SER A 200 0.23 -1.32 -4.78
N GLY A 201 -0.63 -0.70 -4.00
CA GLY A 201 -1.48 -1.41 -3.07
C GLY A 201 -0.87 -1.58 -1.70
N GLY A 202 0.45 -1.41 -1.57
CA GLY A 202 1.13 -1.61 -0.31
C GLY A 202 1.05 -0.43 0.61
N PRO A 203 1.67 -0.58 1.79
CA PRO A 203 1.46 0.35 2.91
C PRO A 203 2.36 1.58 2.94
N VAL A 204 1.80 2.65 3.50
CA VAL A 204 2.52 3.82 4.02
C VAL A 204 2.11 3.95 5.49
N VAL A 205 3.04 3.68 6.41
CA VAL A 205 2.75 3.67 7.83
C VAL A 205 3.48 4.83 8.50
N CYS A 206 2.74 5.62 9.25
CA CYS A 206 3.28 6.81 9.92
C CYS A 206 2.81 6.77 11.37
N SER A 207 3.75 6.81 12.30
CA SER A 207 3.40 6.80 13.73
C SER A 207 2.42 5.66 14.07
N GLY A 208 2.68 4.47 13.52
CA GLY A 208 1.94 3.29 13.85
C GLY A 208 0.60 3.12 13.15
N LYS A 209 0.25 4.00 12.21
CA LYS A 209 -1.04 3.94 11.54
C LYS A 209 -0.85 3.82 10.04
N LEU A 210 -1.76 3.08 9.38
CA LEU A 210 -1.80 2.96 7.92
C LEU A 210 -2.42 4.22 7.34
N GLN A 211 -1.59 5.21 7.01
CA GLN A 211 -2.07 6.48 6.45
C GLN A 211 -2.19 6.46 4.93
N GLY A 212 -1.44 5.61 4.24
CA GLY A 212 -1.45 5.62 2.80
C GLY A 212 -1.42 4.24 2.17
N ILE A 213 -1.87 4.22 0.91
CA ILE A 213 -1.75 3.08 0.01
C ILE A 213 -0.99 3.57 -1.22
N VAL A 214 0.05 2.82 -1.63
CA VAL A 214 0.80 3.16 -2.84
C VAL A 214 -0.16 3.19 -4.02
N SER A 215 -0.26 4.33 -4.71
CA SER A 215 -1.27 4.51 -5.77
C SER A 215 -0.65 4.82 -7.12
N TRP A 216 0.08 5.93 -7.29
CA TRP A 216 0.60 6.28 -8.62
C TRP A 216 1.73 7.30 -8.52
N GLY A 217 2.38 7.52 -9.67
CA GLY A 217 3.31 8.63 -9.81
C GLY A 217 3.70 8.76 -11.28
N SER A 218 4.34 9.88 -11.61
N SER A 218 4.33 9.89 -11.61
CA SER A 218 4.86 10.10 -12.96
CA SER A 218 4.87 10.10 -12.95
C SER A 218 6.29 9.55 -13.01
C SER A 218 6.29 9.53 -12.96
N GLY A 219 6.45 8.36 -13.59
CA GLY A 219 7.71 7.65 -13.49
C GLY A 219 7.94 7.21 -12.06
N CYS A 220 9.22 7.00 -11.73
CA CYS A 220 9.62 6.68 -10.35
C CYS A 220 10.88 7.46 -10.00
N ALA A 221 10.86 8.10 -8.84
CA ALA A 221 12.04 8.79 -8.28
C ALA A 221 12.53 9.93 -9.17
N GLN A 222 11.67 10.51 -9.98
CA GLN A 222 12.04 11.63 -10.82
C GLN A 222 11.93 12.95 -10.07
N LYS A 223 12.76 13.91 -10.47
CA LYS A 223 12.71 15.23 -9.85
C LYS A 223 11.33 15.86 -10.02
N ASN A 224 10.82 16.43 -8.93
CA ASN A 224 9.53 17.16 -8.91
C ASN A 224 8.32 16.28 -9.24
N LYS A 225 8.44 14.96 -9.07
CA LYS A 225 7.36 14.02 -9.36
C LYS A 225 7.29 13.00 -8.23
N PRO A 226 6.83 13.44 -7.05
CA PRO A 226 6.81 12.55 -5.88
C PRO A 226 5.73 11.47 -6.02
N GLY A 227 5.78 10.48 -5.12
CA GLY A 227 4.75 9.46 -5.09
C GLY A 227 3.43 10.02 -4.60
N VAL A 228 2.34 9.48 -5.17
CA VAL A 228 0.97 9.83 -4.80
C VAL A 228 0.32 8.61 -4.16
N TYR A 229 -0.37 8.85 -3.04
CA TYR A 229 -0.86 7.81 -2.15
C TYR A 229 -2.32 8.04 -1.81
N THR A 230 -3.09 6.96 -1.71
CA THR A 230 -4.48 7.08 -1.29
C THR A 230 -4.52 7.49 0.17
N LYS A 231 -5.35 8.47 0.50
CA LYS A 231 -5.45 9.04 1.85
C LYS A 231 -6.40 8.19 2.70
N VAL A 232 -5.83 7.18 3.39
CA VAL A 232 -6.61 6.17 4.10
C VAL A 232 -7.53 6.78 5.16
N CYS A 233 -7.11 7.87 5.81
CA CYS A 233 -7.92 8.45 6.88
C CYS A 233 -9.32 8.87 6.40
N ASN A 234 -9.51 9.13 5.09
CA ASN A 234 -10.82 9.47 4.56
C ASN A 234 -11.75 8.27 4.45
N TYR A 235 -11.23 7.05 4.62
CA TYR A 235 -11.96 5.82 4.33
C TYR A 235 -12.22 4.95 5.55
N VAL A 236 -11.87 5.40 6.76
CA VAL A 236 -11.95 4.52 7.92
C VAL A 236 -13.40 4.12 8.20
N SER A 237 -14.34 5.06 8.09
N SER A 237 -14.34 5.06 8.09
N SER A 237 -14.34 5.06 8.08
CA SER A 237 -15.75 4.72 8.31
CA SER A 237 -15.74 4.70 8.32
CA SER A 237 -15.74 4.70 8.33
C SER A 237 -16.23 3.69 7.29
C SER A 237 -16.22 3.68 7.29
C SER A 237 -16.26 3.71 7.29
N TRP A 238 -15.92 3.90 6.01
CA TRP A 238 -16.27 2.94 4.97
C TRP A 238 -15.64 1.57 5.23
N ILE A 239 -14.36 1.54 5.61
CA ILE A 239 -13.71 0.26 5.90
C ILE A 239 -14.44 -0.46 7.05
N LYS A 240 -14.68 0.25 8.15
N LYS A 240 -14.65 0.23 8.16
CA LYS A 240 -15.24 -0.41 9.34
CA LYS A 240 -15.24 -0.41 9.33
C LYS A 240 -16.67 -0.88 9.09
C LYS A 240 -16.65 -0.93 9.00
N GLN A 241 -17.47 -0.11 8.36
CA GLN A 241 -18.83 -0.52 8.07
C GLN A 241 -18.86 -1.67 7.06
N THR A 242 -17.99 -1.61 6.04
CA THR A 242 -17.96 -2.64 5.01
C THR A 242 -17.56 -3.98 5.61
N ILE A 243 -16.51 -4.01 6.44
N ILE A 243 -16.49 -4.00 6.41
CA ILE A 243 -16.10 -5.30 7.00
CA ILE A 243 -16.06 -5.23 7.08
C ILE A 243 -17.12 -5.84 8.00
C ILE A 243 -17.18 -5.81 7.93
N ALA A 244 -17.85 -4.97 8.71
CA ALA A 244 -18.86 -5.45 9.64
C ALA A 244 -20.08 -6.05 8.93
N SER A 245 -20.30 -5.71 7.66
CA SER A 245 -21.46 -6.14 6.90
C SER A 245 -21.12 -7.24 5.88
N ASN A 246 -19.89 -7.74 5.87
CA ASN A 246 -19.44 -8.71 4.87
C ASN A 246 -18.57 -9.80 5.49
C1 TFA B . 1.39 -1.55 -10.09
C2 TFA B . 1.76 -2.90 -10.68
O TFA B . 0.24 -1.10 -10.27
OXT TFA B . 2.26 -0.94 -9.42
S DMS C . 12.46 -1.86 8.67
O DMS C . 12.87 -0.43 8.78
C1 DMS C . 13.64 -2.82 9.66
C2 DMS C . 10.98 -2.13 9.69
H11 DMS C . 13.35 -3.83 9.68
H12 DMS C . 13.66 -2.44 10.64
H13 DMS C . 14.61 -2.73 9.23
H21 DMS C . 11.18 -1.82 10.68
H22 DMS C . 10.17 -1.56 9.29
H23 DMS C . 10.73 -3.15 9.68
S DMS D . 7.77 2.29 -13.81
O DMS D . 9.08 1.59 -13.65
C1 DMS D . 8.11 3.95 -14.45
C2 DMS D . 6.89 1.59 -15.22
H11 DMS D . 7.19 4.44 -14.65
H12 DMS D . 8.67 3.87 -15.35
H13 DMS D . 8.66 4.50 -13.74
H21 DMS D . 7.50 1.65 -16.08
H22 DMS D . 6.00 2.14 -15.39
H23 DMS D . 6.65 0.58 -15.03
CA CA E . 8.82 -16.72 0.59
C11 MXH F . 3.40 3.77 -12.57
C11 MXH F . 3.66 3.70 -12.56
C12 MXH F . 4.35 3.06 -11.59
C12 MXH F . 4.60 3.15 -11.48
C14 MXH F . 4.89 4.63 -9.69
C14 MXH F . 5.01 4.71 -9.56
C22 MXH F . 0.43 4.36 -16.36
C22 MXH F . 0.89 3.87 -16.57
C24 MXH F . -0.02 6.15 -14.82
C24 MXH F . 0.16 5.64 -15.09
N MXH F . 1.13 3.06 -11.83
N MXH F . 1.41 2.78 -12.12
C MXH F . 2.04 4.05 -11.89
C MXH F . 2.22 3.85 -12.03
O MXH F . 1.81 5.16 -11.46
O MXH F . 1.85 4.90 -11.58
C1 MXH F . 1.13 1.77 -12.51
C1 MXH F . 1.73 1.53 -12.79
C10 MXH F . -0.04 3.21 -10.97
C10 MXH F . 0.06 2.75 -11.54
C13 MXH F . 4.18 3.52 -10.16
C13 MXH F . 4.30 3.63 -10.08
C15 MXH F . 4.72 5.07 -8.38
C15 MXH F . 4.75 5.18 -8.27
C16 MXH F . 5.54 6.18 -7.87
C16 MXH F . 5.54 6.29 -7.70
C17 MXH F . 3.81 4.41 -7.55
C17 MXH F . 3.74 4.57 -7.51
C18 MXH F . 3.10 3.32 -8.01
C18 MXH F . 3.04 3.50 -8.04
C19 MXH F . 3.30 2.87 -9.31
C19 MXH F . 3.32 3.04 -9.31
C2 MXH F . -0.12 1.61 -13.38
C2 MXH F . 0.75 1.28 -13.94
C20 MXH F . 2.22 5.28 -15.08
C20 MXH F . 2.48 5.02 -15.23
C21 MXH F . 1.77 4.37 -16.02
C21 MXH F . 2.20 4.04 -16.16
C23 MXH F . -0.45 5.24 -15.76
C23 MXH F . -0.12 4.64 -16.04
C25 MXH F . -0.96 7.13 -14.19
C25 MXH F . -0.92 6.50 -14.54
C26 MXH F . -0.51 8.37 -13.74
C26 MXH F . -2.23 6.05 -14.45
C27 MXH F . -1.40 9.27 -13.17
C27 MXH F . -3.23 6.86 -13.94
C28 MXH F . -2.75 8.97 -13.03
C28 MXH F . -2.96 8.16 -13.52
C29 MXH F . -3.71 9.89 -12.33
C29 MXH F . -4.04 9.05 -12.95
C3 MXH F . -1.37 1.78 -12.53
C3 MXH F . -0.68 1.27 -13.43
C30 MXH F . -3.16 7.74 -13.51
C30 MXH F . -1.65 8.59 -13.62
C31 MXH F . -2.31 6.83 -14.07
C31 MXH F . -0.63 7.80 -14.11
C32 MXH F . 1.34 6.17 -14.47
C32 MXH F . 1.48 5.81 -14.69
C4 MXH F . -3.12 0.57 -13.79
C4 MXH F . -1.37 -1.10 -13.22
C5 MXH F . -5.13 -0.38 -14.94
C5 MXH F . -1.73 -3.55 -12.79
C6 MXH F . -4.28 -1.19 -15.91
C6 MXH F . -1.71 -4.41 -11.54
C7 MXH F . -5.59 -1.26 -13.80
C7 MXH F . -3.12 -3.55 -13.41
C8 MXH F . -6.34 0.20 -15.68
C8 MXH F . -0.72 -4.08 -13.80
C9 MXH F . -1.34 3.10 -11.76
C9 MXH F . -1.00 2.52 -12.62
F MXH F . -4.47 7.43 -13.42
F MXH F . -1.37 9.86 -13.25
N1 MXH F . -2.58 1.72 -13.35
N1 MXH F . -0.93 0.05 -12.65
N2 MXH F . -4.30 0.72 -14.41
N2 MXH F . -1.36 -2.17 -12.40
N3 MXH F . 6.30 6.89 -8.64
N3 MXH F . 6.26 7.05 -8.45
N4 MXH F . 5.50 6.44 -6.56
N4 MXH F . 5.50 6.47 -6.38
N5 MXH F . 4.00 5.02 -13.05
N5 MXH F . 4.17 4.97 -13.09
O1 MXH F . -2.58 -0.52 -13.63
O1 MXH F . -1.71 -1.16 -14.40
O2 MXH F . -3.75 11.20 -12.88
O2 MXH F . -4.80 9.68 -13.97
O3 MXH F . 4.42 6.64 -14.84
O3 MXH F . 4.48 6.63 -14.86
O4 MXH F . 4.58 4.22 -15.29
O4 MXH F . 4.95 4.25 -15.29
S MXH F . 3.93 5.32 -14.63
S MXH F . 4.14 5.25 -14.69
#